data_4QIZ
#
_entry.id   4QIZ
#
_cell.length_a   56.576
_cell.length_b   159.618
_cell.length_c   57.100
_cell.angle_alpha   90.00
_cell.angle_beta   90.00
_cell.angle_gamma   90.00
#
_symmetry.space_group_name_H-M   'P 21 21 21'
#
loop_
_entity.id
_entity.type
_entity.pdbx_description
1 polymer 'Carbonic anhydrase 13'
2 non-polymer 'ZINC ION'
3 non-polymer 1,2-ETHANEDIOL
4 non-polymer 2,3,6-trifluoro-5-{[(1R,2S)-2-hydroxy-1,2-diphenylethyl]amino}-4-[(2-hydroxyethyl)sulfonyl]benzenesulfonamide
5 water water
#
_entity_poly.entity_id   1
_entity_poly.type   'polypeptide(L)'
_entity_poly.pdbx_seq_one_letter_code
;MMSRLSWGYREHNGPIHWKEFFPIADGDQQSPIEIKTKEVKYDSSLRPLSIKYDPSSAKIISNSGHSFNVDFDDTENKSV
LRGGPLTGSYRLRQVHLHWGSADDHGSEHIVDGVSYAAELHVVHWNSDKYPSFVEAAHEPDGLAVLGVFLQIGEPNSQLQ
KITDTLDSIKEKGKQTRFTNFDLLSLLPPSWDYWTYPGSLTVPPLLESVTWIVLKQPINISSQQLAKFRSLLCTAEGEAA
AFLVSNHRPPQPLKGRKVRASFH
;
_entity_poly.pdbx_strand_id   A,B
#
loop_
_chem_comp.id
_chem_comp.type
_chem_comp.name
_chem_comp.formula
EDO non-polymer 1,2-ETHANEDIOL 'C2 H6 O2'
WWX non-polymer 2,3,6-trifluoro-5-{[(1R,2S)-2-hydroxy-1,2-diphenylethyl]amino}-4-[(2-hydroxyethyl)sulfonyl]benzenesulfonamide 'C22 H21 F3 N2 O6 S2'
ZN non-polymer 'ZINC ION' 'Zn 2'
#
# COMPACT_ATOMS: atom_id res chain seq x y z
N SER A 6 -28.88 -26.32 6.73
CA SER A 6 -27.62 -25.57 6.46
C SER A 6 -27.74 -24.10 6.94
N TRP A 7 -26.62 -23.55 7.44
CA TRP A 7 -26.66 -22.26 8.13
C TRP A 7 -26.89 -21.13 7.14
N GLY A 8 -27.44 -20.05 7.67
CA GLY A 8 -27.62 -18.86 6.82
C GLY A 8 -27.94 -17.68 7.67
N TYR A 9 -28.78 -16.78 7.13
CA TYR A 9 -29.20 -15.59 7.83
C TYR A 9 -30.74 -15.44 7.88
N ARG A 10 -31.44 -16.53 7.65
CA ARG A 10 -32.95 -16.54 7.69
C ARG A 10 -33.39 -16.80 9.12
N GLU A 11 -34.70 -16.71 9.35
CA GLU A 11 -35.22 -16.88 10.69
C GLU A 11 -34.80 -18.23 11.29
N HIS A 12 -34.89 -19.35 10.59
N HIS A 12 -34.88 -19.29 10.48
CA HIS A 12 -34.60 -20.63 11.31
CA HIS A 12 -34.67 -20.65 10.97
C HIS A 12 -33.23 -21.21 11.05
C HIS A 12 -33.24 -21.04 11.26
N ASN A 13 -32.33 -20.43 10.49
CA ASN A 13 -30.94 -20.93 10.35
C ASN A 13 -29.93 -19.80 10.62
N GLY A 14 -30.41 -18.68 11.16
CA GLY A 14 -29.55 -17.45 11.25
C GLY A 14 -28.69 -17.48 12.51
N PRO A 15 -27.99 -16.38 12.74
CA PRO A 15 -27.00 -16.24 13.85
C PRO A 15 -27.40 -16.77 15.20
N ILE A 16 -28.66 -16.58 15.69
CA ILE A 16 -29.02 -17.07 17.00
C ILE A 16 -28.99 -18.59 17.07
N HIS A 17 -29.11 -19.25 15.91
CA HIS A 17 -29.16 -20.71 15.89
C HIS A 17 -27.83 -21.35 15.64
N TRP A 18 -26.84 -20.54 15.29
CA TRP A 18 -25.58 -21.18 14.92
C TRP A 18 -24.96 -22.04 15.94
N LYS A 19 -25.12 -21.64 17.19
CA LYS A 19 -24.55 -22.43 18.35
C LYS A 19 -25.10 -23.88 18.40
N GLU A 20 -26.22 -24.13 17.75
CA GLU A 20 -26.81 -25.50 17.80
C GLU A 20 -25.90 -26.46 17.05
N PHE A 21 -25.16 -25.98 16.06
CA PHE A 21 -24.26 -26.80 15.27
C PHE A 21 -22.78 -26.48 15.43
N PHE A 22 -22.48 -25.25 15.91
CA PHE A 22 -21.12 -24.71 15.97
C PHE A 22 -21.00 -24.13 17.39
N PRO A 23 -20.66 -24.95 18.40
CA PRO A 23 -20.72 -24.46 19.78
C PRO A 23 -19.75 -23.29 20.09
N ILE A 24 -18.70 -23.18 19.29
CA ILE A 24 -17.73 -22.10 19.44
C ILE A 24 -18.46 -20.74 19.19
N ALA A 25 -19.71 -20.77 18.65
CA ALA A 25 -20.45 -19.49 18.50
C ALA A 25 -20.56 -18.74 19.80
N ASP A 26 -20.56 -19.45 20.94
CA ASP A 26 -20.54 -18.81 22.31
C ASP A 26 -19.13 -18.77 22.97
N GLY A 27 -18.09 -18.73 22.14
CA GLY A 27 -16.68 -18.77 22.61
C GLY A 27 -16.23 -17.42 23.21
N ASP A 28 -14.99 -17.35 23.63
CA ASP A 28 -14.70 -16.05 24.31
C ASP A 28 -14.02 -15.09 23.42
N GLN A 29 -13.78 -15.42 22.16
CA GLN A 29 -13.15 -14.45 21.27
C GLN A 29 -13.95 -14.41 19.93
N GLN A 30 -15.28 -14.16 20.02
CA GLN A 30 -16.11 -14.15 18.82
C GLN A 30 -16.18 -12.72 18.20
N SER A 31 -16.42 -12.67 16.90
CA SER A 31 -16.56 -11.40 16.16
C SER A 31 -17.90 -11.40 15.41
N PRO A 32 -18.42 -10.25 15.01
CA PRO A 32 -17.82 -8.92 15.18
C PRO A 32 -18.12 -8.42 16.59
N ILE A 33 -17.72 -7.16 16.83
CA ILE A 33 -17.90 -6.50 18.13
C ILE A 33 -18.32 -5.04 17.92
N GLU A 34 -18.79 -4.47 19.03
CA GLU A 34 -18.91 -2.99 19.08
C GLU A 34 -17.56 -2.44 19.54
N ILE A 35 -17.03 -1.52 18.72
CA ILE A 35 -15.80 -0.79 19.11
C ILE A 35 -16.25 0.42 19.93
N LYS A 36 -15.81 0.47 21.19
CA LYS A 36 -16.21 1.54 22.15
C LYS A 36 -14.97 2.38 22.32
N THR A 37 -14.99 3.54 21.66
CA THR A 37 -13.78 4.33 21.55
C THR A 37 -13.31 4.88 22.90
N LYS A 38 -14.18 4.88 23.91
CA LYS A 38 -13.72 5.37 25.21
C LYS A 38 -12.87 4.32 25.92
N GLU A 39 -12.99 3.05 25.48
CA GLU A 39 -12.31 1.91 26.11
C GLU A 39 -11.11 1.47 25.24
N VAL A 40 -11.01 2.05 24.04
CA VAL A 40 -9.95 1.69 23.05
C VAL A 40 -8.68 2.23 23.66
N LYS A 41 -7.63 1.42 23.65
CA LYS A 41 -6.30 1.87 24.10
C LYS A 41 -5.36 2.13 22.89
N TYR A 42 -4.85 3.36 22.78
CA TYR A 42 -3.78 3.68 21.85
C TYR A 42 -2.53 2.87 22.23
N ASP A 43 -1.82 2.32 21.25
CA ASP A 43 -0.66 1.51 21.55
C ASP A 43 0.46 1.93 20.54
N SER A 44 1.54 2.54 21.06
CA SER A 44 2.64 3.01 20.20
C SER A 44 3.53 1.93 19.61
N SER A 45 3.42 0.73 20.15
CA SER A 45 4.01 -0.45 19.52
C SER A 45 3.33 -0.98 18.26
N LEU A 46 2.09 -0.53 18.00
CA LEU A 46 1.49 -0.87 16.77
C LEU A 46 2.16 -0.20 15.61
N ARG A 47 2.39 -0.96 14.55
CA ARG A 47 3.04 -0.46 13.35
C ARG A 47 2.00 -0.02 12.32
N PRO A 48 2.36 0.87 11.41
CA PRO A 48 1.50 1.19 10.28
C PRO A 48 1.31 -0.05 9.44
N LEU A 49 0.15 -0.11 8.81
CA LEU A 49 -0.11 -1.17 7.82
C LEU A 49 0.83 -1.05 6.60
N SER A 50 1.38 -2.16 6.08
CA SER A 50 2.04 -2.14 4.82
C SER A 50 1.34 -3.14 3.88
N ILE A 51 0.88 -2.68 2.75
CA ILE A 51 -0.07 -3.45 1.89
C ILE A 51 0.41 -3.38 0.50
N LYS A 52 0.27 -4.52 -0.15
N LYS A 52 1.06 -4.50 0.15
CA LYS A 52 0.51 -4.57 -1.56
CA LYS A 52 1.30 -4.76 -1.23
C LYS A 52 -0.42 -5.57 -2.12
C LYS A 52 0.31 -5.72 -1.85
N TYR A 53 -1.36 -5.13 -2.93
N TYR A 53 0.16 -5.49 -3.13
CA TYR A 53 -2.20 -6.07 -3.68
CA TYR A 53 -0.94 -6.03 -3.84
C TYR A 53 -1.95 -5.94 -5.21
C TYR A 53 -0.78 -6.01 -5.32
N ASP A 54 -1.39 -6.98 -5.91
CA ASP A 54 -1.22 -7.13 -7.35
C ASP A 54 -2.60 -7.37 -8.01
N PRO A 55 -3.06 -6.42 -8.80
CA PRO A 55 -4.38 -6.58 -9.47
C PRO A 55 -4.52 -7.81 -10.30
N SER A 56 -3.43 -8.39 -10.80
CA SER A 56 -3.57 -9.57 -11.62
C SER A 56 -3.69 -10.81 -10.69
N SER A 57 -3.56 -10.64 -9.34
CA SER A 57 -3.67 -11.74 -8.31
C SER A 57 -5.13 -12.28 -8.28
N ALA A 58 -6.09 -11.41 -8.59
CA ALA A 58 -7.48 -11.87 -8.59
C ALA A 58 -7.77 -12.89 -9.68
N LYS A 59 -8.56 -13.92 -9.35
CA LYS A 59 -8.82 -14.95 -10.34
C LYS A 59 -10.33 -15.05 -10.69
N ILE A 60 -11.21 -15.13 -9.66
CA ILE A 60 -12.64 -15.41 -9.95
C ILE A 60 -13.50 -14.75 -8.89
N ILE A 61 -14.82 -14.59 -9.21
CA ILE A 61 -15.81 -14.15 -8.19
C ILE A 61 -16.92 -15.22 -8.20
N SER A 62 -17.40 -15.57 -7.06
N SER A 62 -17.36 -15.51 -7.00
CA SER A 62 -18.39 -16.62 -6.97
CA SER A 62 -18.28 -16.59 -6.67
C SER A 62 -19.45 -16.12 -5.98
C SER A 62 -19.41 -16.21 -5.72
N ASN A 63 -20.59 -16.78 -6.02
CA ASN A 63 -21.65 -16.63 -5.05
C ASN A 63 -21.62 -17.81 -4.12
N SER A 64 -21.25 -17.59 -2.88
CA SER A 64 -21.16 -18.73 -1.91
C SER A 64 -22.50 -19.12 -1.35
N GLY A 65 -23.54 -18.26 -1.62
CA GLY A 65 -24.85 -18.29 -1.00
C GLY A 65 -24.89 -17.51 0.34
N HIS A 66 -23.72 -17.01 0.72
CA HIS A 66 -23.59 -16.21 1.93
C HIS A 66 -23.07 -14.80 1.75
N SER A 67 -22.41 -14.62 0.64
CA SER A 67 -21.87 -13.32 0.11
C SER A 67 -21.41 -13.61 -1.31
N PHE A 68 -20.74 -12.65 -1.96
CA PHE A 68 -19.84 -12.93 -3.11
C PHE A 68 -18.41 -13.10 -2.50
N ASN A 69 -17.60 -13.91 -3.20
N ASN A 69 -17.60 -14.00 -3.07
CA ASN A 69 -16.19 -14.06 -2.83
CA ASN A 69 -16.17 -14.00 -2.69
C ASN A 69 -15.41 -13.75 -4.07
C ASN A 69 -15.32 -13.85 -3.92
N VAL A 70 -14.42 -12.85 -3.93
CA VAL A 70 -13.39 -12.77 -5.01
C VAL A 70 -12.21 -13.58 -4.44
N ASP A 71 -11.75 -14.59 -5.15
CA ASP A 71 -10.59 -15.43 -4.69
C ASP A 71 -9.31 -15.01 -5.47
N PHE A 72 -8.18 -15.09 -4.78
CA PHE A 72 -6.90 -14.66 -5.38
C PHE A 72 -5.92 -15.85 -5.38
N ASP A 73 -5.01 -15.81 -6.35
N ASP A 73 -5.03 -15.83 -6.36
CA ASP A 73 -3.86 -16.75 -6.41
CA ASP A 73 -3.88 -16.74 -6.41
C ASP A 73 -3.06 -16.48 -5.17
C ASP A 73 -3.10 -16.48 -5.16
N ASP A 74 -2.77 -17.52 -4.39
CA ASP A 74 -2.07 -17.35 -3.11
C ASP A 74 -0.87 -18.27 -2.98
N THR A 75 -0.15 -18.39 -4.09
CA THR A 75 1.04 -19.31 -4.13
C THR A 75 2.33 -18.52 -3.94
N GLU A 76 2.27 -17.20 -4.06
CA GLU A 76 3.44 -16.30 -3.99
C GLU A 76 3.14 -15.17 -2.99
N ASN A 77 4.16 -14.36 -2.63
CA ASN A 77 3.95 -13.22 -1.75
C ASN A 77 3.80 -11.91 -2.57
N LYS A 78 3.05 -11.96 -3.65
CA LYS A 78 2.76 -10.75 -4.45
C LYS A 78 1.72 -9.85 -3.72
N SER A 79 0.74 -10.47 -3.06
CA SER A 79 -0.36 -9.73 -2.45
C SER A 79 -0.37 -10.08 -1.02
N VAL A 80 0.11 -9.17 -0.18
CA VAL A 80 0.38 -9.46 1.20
C VAL A 80 0.14 -8.26 2.09
N LEU A 81 -0.17 -8.55 3.30
CA LEU A 81 -0.36 -7.61 4.38
C LEU A 81 0.65 -7.82 5.49
N ARG A 82 1.39 -6.78 5.85
CA ARG A 82 2.36 -6.81 6.95
C ARG A 82 2.19 -5.59 7.83
N GLY A 83 2.94 -5.57 8.90
CA GLY A 83 2.87 -4.47 9.80
C GLY A 83 1.59 -4.51 10.59
N GLY A 84 1.03 -3.37 10.95
CA GLY A 84 -0.04 -3.40 11.97
C GLY A 84 0.34 -4.08 13.28
N PRO A 85 -0.54 -4.95 13.80
CA PRO A 85 -0.29 -5.77 14.96
C PRO A 85 0.40 -7.11 14.54
N LEU A 86 0.64 -7.29 13.25
CA LEU A 86 1.02 -8.65 12.77
C LEU A 86 2.51 -8.97 12.93
N THR A 87 2.78 -10.25 13.25
CA THR A 87 4.16 -10.76 13.16
C THR A 87 4.25 -11.53 11.84
N GLY A 88 5.17 -11.15 10.97
CA GLY A 88 5.38 -11.79 9.65
C GLY A 88 4.40 -11.37 8.58
N SER A 89 4.33 -12.20 7.54
CA SER A 89 3.65 -11.88 6.30
C SER A 89 2.34 -12.66 6.11
N TYR A 90 1.24 -11.93 5.85
CA TYR A 90 -0.10 -12.57 5.71
C TYR A 90 -0.58 -12.46 4.30
N ARG A 91 -0.76 -13.60 3.59
CA ARG A 91 -1.02 -13.62 2.23
C ARG A 91 -2.53 -13.47 1.86
N LEU A 92 -2.83 -12.58 0.91
CA LEU A 92 -4.21 -12.32 0.51
C LEU A 92 -4.83 -13.63 -0.02
N ARG A 93 -6.06 -13.93 0.50
CA ARG A 93 -6.85 -15.10 0.00
C ARG A 93 -8.14 -14.78 -0.70
N GLN A 94 -8.89 -13.85 -0.10
CA GLN A 94 -10.17 -13.51 -0.73
C GLN A 94 -10.73 -12.21 -0.12
N VAL A 95 -11.74 -11.70 -0.85
CA VAL A 95 -12.52 -10.52 -0.36
C VAL A 95 -14.01 -10.85 -0.44
N HIS A 96 -14.79 -10.35 0.50
CA HIS A 96 -16.24 -10.52 0.41
C HIS A 96 -16.90 -9.31 1.14
N LEU A 97 -18.24 -9.26 1.15
CA LEU A 97 -18.94 -8.08 1.69
C LEU A 97 -20.10 -8.45 2.58
N HIS A 98 -20.38 -7.64 3.61
CA HIS A 98 -21.63 -7.87 4.38
C HIS A 98 -22.48 -6.61 4.29
N TRP A 99 -23.78 -6.86 4.32
CA TRP A 99 -24.80 -5.77 4.26
C TRP A 99 -26.01 -6.15 5.02
N GLY A 100 -27.00 -5.21 5.09
CA GLY A 100 -28.29 -5.55 5.70
C GLY A 100 -29.44 -5.19 4.77
N SER A 101 -30.67 -5.38 5.25
CA SER A 101 -31.83 -5.12 4.39
C SER A 101 -32.08 -3.63 4.28
N ALA A 102 -31.48 -2.81 5.16
CA ALA A 102 -31.66 -1.37 5.02
C ALA A 102 -30.32 -0.71 4.84
N ASP A 103 -30.33 0.39 4.15
CA ASP A 103 -29.08 1.06 3.77
C ASP A 103 -28.31 1.67 4.95
N ASP A 104 -28.96 1.82 6.09
CA ASP A 104 -28.29 2.43 7.25
C ASP A 104 -27.95 1.47 8.34
N HIS A 105 -28.04 0.16 8.11
CA HIS A 105 -27.77 -0.78 9.16
C HIS A 105 -27.24 -2.09 8.54
N GLY A 106 -26.00 -2.12 8.08
CA GLY A 106 -25.51 -3.34 7.34
C GLY A 106 -24.12 -3.79 7.72
N SER A 107 -23.42 -3.01 8.51
CA SER A 107 -22.06 -3.46 8.89
C SER A 107 -22.09 -4.52 9.96
N GLU A 108 -20.96 -5.25 10.10
CA GLU A 108 -20.79 -6.26 11.15
C GLU A 108 -20.30 -5.59 12.41
N HIS A 109 -19.11 -4.93 12.32
CA HIS A 109 -18.67 -4.15 13.44
C HIS A 109 -19.54 -2.86 13.52
N ILE A 110 -19.64 -2.36 14.70
CA ILE A 110 -20.34 -1.07 14.99
C ILE A 110 -19.36 -0.19 15.80
N VAL A 111 -19.45 1.15 15.67
CA VAL A 111 -18.53 2.07 16.40
C VAL A 111 -19.38 3.02 17.26
N ASP A 112 -19.20 2.94 18.56
CA ASP A 112 -20.01 3.80 19.49
C ASP A 112 -21.45 3.90 18.98
N GLY A 113 -22.10 2.74 18.91
CA GLY A 113 -23.54 2.71 18.57
C GLY A 113 -23.93 2.83 17.10
N VAL A 114 -22.97 3.19 16.23
CA VAL A 114 -23.24 3.50 14.85
C VAL A 114 -22.92 2.31 13.97
N SER A 115 -23.90 1.90 13.14
CA SER A 115 -23.73 0.94 12.06
C SER A 115 -23.47 1.68 10.78
N TYR A 116 -22.63 1.11 9.90
CA TYR A 116 -22.47 1.61 8.59
C TYR A 116 -23.33 0.84 7.58
N ALA A 117 -23.36 1.28 6.34
CA ALA A 117 -24.21 0.64 5.32
C ALA A 117 -23.78 -0.80 4.95
N ALA A 118 -22.46 -1.02 5.01
CA ALA A 118 -21.99 -2.35 4.62
C ALA A 118 -20.53 -2.42 5.13
N GLU A 119 -19.95 -3.61 5.03
CA GLU A 119 -18.60 -3.80 5.59
C GLU A 119 -17.86 -4.82 4.66
N LEU A 120 -16.74 -4.37 4.12
CA LEU A 120 -15.89 -5.16 3.18
C LEU A 120 -14.82 -5.87 4.01
N HIS A 121 -14.63 -7.20 3.78
CA HIS A 121 -13.55 -7.91 4.51
C HIS A 121 -12.55 -8.53 3.57
N VAL A 122 -11.27 -8.25 3.87
CA VAL A 122 -10.16 -8.73 3.02
C VAL A 122 -9.44 -9.77 3.92
N VAL A 123 -9.45 -11.06 3.51
CA VAL A 123 -9.02 -12.16 4.36
C VAL A 123 -7.58 -12.61 3.90
N HIS A 124 -6.72 -12.73 4.89
CA HIS A 124 -5.28 -13.11 4.67
C HIS A 124 -4.96 -14.21 5.63
N TRP A 125 -3.92 -14.98 5.22
CA TRP A 125 -3.42 -16.06 6.08
C TRP A 125 -1.88 -16.14 6.25
N ASN A 126 -1.46 -16.64 7.42
CA ASN A 126 -0.01 -16.56 7.77
C ASN A 126 0.78 -17.64 7.02
N SER A 127 1.42 -17.22 5.98
CA SER A 127 2.10 -18.16 5.05
C SER A 127 3.56 -18.26 5.53
N ASP A 128 3.93 -17.52 6.55
CA ASP A 128 5.33 -17.64 7.14
C ASP A 128 5.28 -18.84 8.07
N LYS A 129 4.12 -19.29 8.56
CA LYS A 129 4.03 -20.37 9.52
C LYS A 129 3.25 -21.61 9.09
N TYR A 130 2.27 -21.46 8.17
CA TYR A 130 1.34 -22.52 7.93
C TYR A 130 1.32 -22.79 6.48
N PRO A 131 1.02 -24.02 6.07
CA PRO A 131 1.17 -24.39 4.68
C PRO A 131 0.03 -23.97 3.78
N SER A 132 -1.14 -23.64 4.37
CA SER A 132 -2.24 -23.23 3.47
C SER A 132 -3.23 -22.46 4.37
N PHE A 133 -4.17 -21.82 3.67
CA PHE A 133 -5.21 -21.13 4.46
C PHE A 133 -6.01 -22.07 5.39
N VAL A 134 -6.23 -23.31 5.00
CA VAL A 134 -7.06 -24.19 5.82
C VAL A 134 -6.36 -24.47 7.08
N GLU A 135 -5.06 -24.72 7.00
N GLU A 135 -5.04 -24.73 7.07
CA GLU A 135 -4.35 -24.92 8.22
CA GLU A 135 -4.36 -24.90 8.38
C GLU A 135 -4.32 -23.68 9.11
C GLU A 135 -4.28 -23.64 9.19
N ALA A 136 -4.00 -22.51 8.52
CA ALA A 136 -3.94 -21.25 9.22
C ALA A 136 -5.27 -20.88 9.95
N ALA A 137 -6.37 -21.28 9.32
CA ALA A 137 -7.67 -20.97 9.94
C ALA A 137 -7.92 -21.61 11.28
N HIS A 138 -7.10 -22.62 11.68
CA HIS A 138 -7.24 -23.29 12.98
C HIS A 138 -6.23 -22.93 13.97
N GLU A 139 -5.48 -21.80 13.76
CA GLU A 139 -4.48 -21.36 14.74
C GLU A 139 -4.72 -19.90 15.16
N PRO A 140 -4.42 -19.56 16.39
CA PRO A 140 -4.76 -18.20 16.90
C PRO A 140 -4.10 -17.10 16.10
N ASP A 141 -2.88 -17.33 15.54
CA ASP A 141 -2.23 -16.30 14.77
C ASP A 141 -2.35 -16.61 13.29
N GLY A 142 -3.34 -17.39 12.88
CA GLY A 142 -3.37 -17.86 11.50
C GLY A 142 -3.87 -16.83 10.46
N LEU A 143 -4.97 -16.12 10.84
CA LEU A 143 -5.61 -15.29 9.81
C LEU A 143 -5.57 -13.81 10.22
N ALA A 144 -5.65 -12.96 9.24
CA ALA A 144 -5.80 -11.49 9.53
C ALA A 144 -6.82 -10.99 8.57
N VAL A 145 -7.85 -10.28 9.11
CA VAL A 145 -8.90 -9.74 8.22
C VAL A 145 -8.96 -8.20 8.39
N LEU A 146 -8.94 -7.54 7.26
CA LEU A 146 -8.96 -6.11 7.17
C LEU A 146 -10.43 -5.79 6.97
N GLY A 147 -11.01 -4.95 7.82
CA GLY A 147 -12.42 -4.58 7.59
C GLY A 147 -12.48 -3.14 7.13
N VAL A 148 -13.32 -2.86 6.15
CA VAL A 148 -13.45 -1.45 5.68
C VAL A 148 -14.96 -1.17 5.66
N PHE A 149 -15.37 -0.11 6.37
CA PHE A 149 -16.77 0.24 6.32
C PHE A 149 -17.19 0.94 5.09
N LEU A 150 -18.48 0.78 4.70
CA LEU A 150 -19.01 1.47 3.48
C LEU A 150 -20.17 2.32 3.97
N GLN A 151 -20.18 3.55 3.45
CA GLN A 151 -21.33 4.47 3.69
C GLN A 151 -21.86 4.92 2.34
N ILE A 152 -23.17 5.26 2.37
CA ILE A 152 -23.83 5.69 1.10
C ILE A 152 -23.16 7.01 0.61
N GLY A 153 -22.70 7.10 -0.64
CA GLY A 153 -21.89 8.23 -1.16
C GLY A 153 -21.65 8.08 -2.66
N GLU A 154 -20.64 8.71 -3.22
CA GLU A 154 -20.39 8.51 -4.68
C GLU A 154 -19.92 7.03 -4.99
N PRO A 155 -20.29 6.47 -6.22
CA PRO A 155 -20.03 5.06 -6.55
C PRO A 155 -18.56 4.80 -6.71
N ASN A 156 -18.07 3.65 -6.29
CA ASN A 156 -16.64 3.32 -6.45
C ASN A 156 -16.52 2.42 -7.69
N SER A 157 -15.51 2.60 -8.55
CA SER A 157 -15.52 1.95 -9.81
C SER A 157 -15.11 0.48 -9.61
N GLN A 158 -14.48 0.16 -8.48
CA GLN A 158 -14.08 -1.24 -8.30
C GLN A 158 -15.23 -1.92 -7.70
N LEU A 159 -16.10 -1.16 -7.01
CA LEU A 159 -17.41 -1.75 -6.64
C LEU A 159 -18.29 -1.97 -7.85
N GLN A 160 -18.28 -1.08 -8.83
CA GLN A 160 -19.04 -1.32 -10.06
C GLN A 160 -18.51 -2.50 -10.81
N LYS A 161 -17.21 -2.72 -10.75
CA LYS A 161 -16.58 -3.89 -11.44
C LYS A 161 -17.25 -5.14 -10.80
N ILE A 162 -17.46 -5.09 -9.50
CA ILE A 162 -18.13 -6.24 -8.79
C ILE A 162 -19.60 -6.29 -9.20
N THR A 163 -20.33 -5.17 -9.14
CA THR A 163 -21.76 -5.30 -9.24
C THR A 163 -22.13 -5.67 -10.69
N ASP A 164 -21.27 -5.28 -11.67
CA ASP A 164 -21.52 -5.72 -13.10
C ASP A 164 -21.52 -7.28 -13.27
N THR A 165 -20.90 -8.02 -12.33
CA THR A 165 -20.77 -9.51 -12.44
C THR A 165 -21.96 -10.22 -11.83
N LEU A 166 -22.75 -9.51 -11.01
CA LEU A 166 -23.70 -10.20 -10.14
C LEU A 166 -24.81 -10.93 -10.88
N ASP A 167 -25.26 -10.42 -12.00
CA ASP A 167 -26.26 -11.15 -12.76
C ASP A 167 -25.70 -12.47 -13.24
N SER A 168 -24.41 -12.57 -13.49
CA SER A 168 -23.89 -13.84 -13.96
C SER A 168 -23.68 -14.89 -12.81
N ILE A 169 -23.73 -14.42 -11.56
CA ILE A 169 -23.53 -15.29 -10.36
C ILE A 169 -24.74 -15.23 -9.38
N LYS A 170 -25.96 -15.11 -9.93
N LYS A 170 -25.96 -15.11 -9.92
CA LYS A 170 -27.14 -14.91 -9.09
CA LYS A 170 -27.13 -14.92 -9.06
C LYS A 170 -27.46 -16.09 -8.17
C LYS A 170 -27.42 -16.10 -8.13
N GLU A 171 -27.27 -17.32 -8.67
CA GLU A 171 -27.58 -18.54 -7.92
C GLU A 171 -26.34 -19.03 -7.15
N LYS A 172 -26.58 -19.57 -6.00
CA LYS A 172 -25.48 -20.11 -5.17
C LYS A 172 -24.63 -21.11 -5.94
N GLY A 173 -23.31 -20.99 -5.81
CA GLY A 173 -22.39 -21.87 -6.57
C GLY A 173 -21.89 -21.37 -7.90
N LYS A 174 -22.57 -20.39 -8.53
N LYS A 174 -22.54 -20.37 -8.51
CA LYS A 174 -22.09 -19.81 -9.76
CA LYS A 174 -22.10 -19.81 -9.77
C LYS A 174 -20.78 -19.04 -9.51
C LYS A 174 -20.86 -18.89 -9.61
N GLN A 175 -19.96 -19.01 -10.56
CA GLN A 175 -18.75 -18.16 -10.55
C GLN A 175 -18.41 -17.66 -11.89
N THR A 176 -17.52 -16.69 -11.98
CA THR A 176 -17.13 -16.15 -13.25
C THR A 176 -15.71 -15.59 -13.10
N ARG A 177 -14.98 -15.48 -14.21
CA ARG A 177 -13.61 -14.89 -14.22
C ARG A 177 -13.65 -13.46 -13.63
N PHE A 178 -12.62 -13.18 -12.83
CA PHE A 178 -12.51 -11.86 -12.26
C PHE A 178 -11.06 -11.55 -11.98
N THR A 179 -10.52 -10.63 -12.76
CA THR A 179 -9.09 -10.30 -12.59
C THR A 179 -8.90 -8.81 -12.90
N ASN A 180 -7.67 -8.35 -12.69
N ASN A 180 -7.66 -8.33 -12.82
CA ASN A 180 -7.29 -6.94 -12.96
CA ASN A 180 -7.38 -6.89 -13.03
C ASN A 180 -8.09 -6.07 -12.02
C ASN A 180 -8.30 -6.16 -12.06
N PHE A 181 -8.20 -6.56 -10.78
CA PHE A 181 -9.06 -5.99 -9.70
C PHE A 181 -8.21 -5.12 -8.86
N ASP A 182 -8.55 -3.85 -8.91
CA ASP A 182 -7.75 -2.92 -8.09
C ASP A 182 -8.27 -2.78 -6.63
N LEU A 183 -7.93 -3.77 -5.86
CA LEU A 183 -8.42 -3.83 -4.54
C LEU A 183 -7.97 -2.63 -3.72
N LEU A 184 -6.73 -2.13 -3.94
CA LEU A 184 -6.26 -1.02 -3.10
C LEU A 184 -7.16 0.21 -3.24
N SER A 185 -7.88 0.34 -4.36
CA SER A 185 -8.92 1.35 -4.55
C SER A 185 -10.08 1.27 -3.65
N LEU A 186 -10.27 0.13 -3.00
CA LEU A 186 -11.36 0.02 -2.00
C LEU A 186 -10.96 0.29 -0.54
N LEU A 187 -9.75 0.81 -0.39
CA LEU A 187 -9.28 1.19 0.92
C LEU A 187 -9.40 2.75 0.93
N PRO A 188 -9.68 3.29 2.14
CA PRO A 188 -9.80 4.74 2.31
C PRO A 188 -8.38 5.34 2.29
N PRO A 189 -8.28 6.64 2.10
CA PRO A 189 -6.95 7.22 2.08
C PRO A 189 -6.26 7.23 3.44
N SER A 190 -6.98 7.21 4.59
CA SER A 190 -6.41 7.08 5.88
C SER A 190 -6.39 5.58 6.22
N TRP A 191 -5.20 5.09 6.56
CA TRP A 191 -5.09 3.71 7.10
C TRP A 191 -5.02 3.62 8.61
N ASP A 192 -5.60 4.59 9.34
CA ASP A 192 -5.71 4.44 10.77
C ASP A 192 -6.70 3.24 11.10
N TYR A 193 -6.38 2.53 12.16
CA TYR A 193 -7.16 1.29 12.47
C TYR A 193 -7.28 0.99 13.89
N TRP A 194 -8.30 0.14 14.16
CA TRP A 194 -8.45 -0.51 15.39
C TRP A 194 -8.14 -2.01 15.25
N THR A 195 -7.65 -2.61 16.30
CA THR A 195 -7.34 -4.06 16.23
C THR A 195 -7.67 -4.82 17.50
N TYR A 196 -8.15 -6.08 17.31
CA TYR A 196 -8.45 -6.95 18.45
C TYR A 196 -8.40 -8.42 18.00
N PRO A 197 -8.28 -9.33 18.96
CA PRO A 197 -8.26 -10.76 18.53
C PRO A 197 -9.72 -11.31 18.48
N GLY A 198 -10.04 -11.99 17.40
CA GLY A 198 -11.43 -12.48 17.25
C GLY A 198 -11.53 -13.69 16.39
N SER A 199 -12.67 -13.78 15.70
CA SER A 199 -13.02 -15.03 15.00
C SER A 199 -13.53 -14.74 13.59
N LEU A 200 -13.66 -15.79 12.81
CA LEU A 200 -14.51 -15.72 11.62
C LEU A 200 -15.92 -15.29 12.12
N THR A 201 -16.60 -14.54 11.24
CA THR A 201 -17.96 -14.13 11.61
C THR A 201 -18.99 -15.05 10.97
N VAL A 202 -18.58 -16.11 10.29
CA VAL A 202 -19.45 -17.12 9.70
C VAL A 202 -19.04 -18.46 10.26
N PRO A 203 -19.93 -19.43 10.33
CA PRO A 203 -19.50 -20.78 10.59
C PRO A 203 -18.36 -21.19 9.65
N PRO A 204 -17.30 -21.84 10.20
CA PRO A 204 -17.18 -22.45 11.49
C PRO A 204 -16.73 -21.61 12.67
N LEU A 205 -16.67 -20.26 12.48
CA LEU A 205 -16.54 -19.35 13.64
C LEU A 205 -15.23 -19.49 14.39
N LEU A 206 -14.22 -19.97 13.65
CA LEU A 206 -12.91 -20.26 14.28
C LEU A 206 -12.25 -19.03 14.87
N GLU A 207 -11.66 -19.23 16.01
CA GLU A 207 -11.04 -18.08 16.75
C GLU A 207 -9.57 -17.97 16.29
N SER A 208 -9.39 -17.57 15.08
CA SER A 208 -8.04 -17.47 14.50
C SER A 208 -7.69 -16.18 13.88
N VAL A 209 -8.57 -15.20 14.07
CA VAL A 209 -8.47 -13.94 13.33
C VAL A 209 -7.92 -12.74 14.11
N THR A 210 -6.85 -12.14 13.58
CA THR A 210 -6.47 -10.82 14.05
C THR A 210 -7.26 -9.81 13.19
N TRP A 211 -8.22 -9.12 13.85
CA TRP A 211 -9.01 -8.13 13.14
C TRP A 211 -8.29 -6.81 13.08
N ILE A 212 -8.39 -6.17 11.92
CA ILE A 212 -7.81 -4.80 11.73
C ILE A 212 -8.96 -4.06 11.01
N VAL A 213 -9.63 -3.15 11.76
CA VAL A 213 -10.81 -2.47 11.27
C VAL A 213 -10.39 -1.03 11.01
N LEU A 214 -10.52 -0.63 9.75
CA LEU A 214 -10.09 0.79 9.36
C LEU A 214 -11.20 1.80 9.86
N LYS A 215 -10.72 2.91 10.43
CA LYS A 215 -11.64 3.93 10.95
C LYS A 215 -12.41 4.63 9.83
N GLN A 216 -11.78 4.95 8.72
CA GLN A 216 -12.46 5.75 7.74
C GLN A 216 -13.25 4.89 6.75
N PRO A 217 -14.52 5.25 6.51
CA PRO A 217 -15.29 4.50 5.47
C PRO A 217 -14.99 4.90 4.09
N ILE A 218 -15.35 4.03 3.17
CA ILE A 218 -15.39 4.35 1.78
C ILE A 218 -16.85 4.52 1.35
N ASN A 219 -17.09 4.93 0.12
N ASN A 219 -17.06 5.01 0.13
CA ASN A 219 -18.42 5.16 -0.36
CA ASN A 219 -18.37 5.24 -0.44
C ASN A 219 -18.95 4.16 -1.40
C ASN A 219 -18.92 4.07 -1.26
N ILE A 220 -20.25 3.91 -1.27
CA ILE A 220 -20.97 3.09 -2.21
C ILE A 220 -22.26 3.81 -2.52
N SER A 221 -22.73 3.64 -3.78
CA SER A 221 -24.05 4.17 -4.02
C SER A 221 -25.21 3.26 -3.52
N SER A 222 -26.39 3.84 -3.30
N SER A 222 -26.38 3.83 -3.29
CA SER A 222 -27.53 3.05 -2.93
CA SER A 222 -27.50 3.01 -2.93
C SER A 222 -27.84 2.03 -4.04
C SER A 222 -27.79 2.00 -4.05
N GLN A 223 -27.66 2.41 -5.31
CA GLN A 223 -27.91 1.49 -6.40
C GLN A 223 -26.95 0.27 -6.36
N GLN A 224 -25.68 0.55 -6.08
CA GLN A 224 -24.65 -0.50 -6.07
C GLN A 224 -25.06 -1.39 -4.90
N LEU A 225 -25.36 -0.78 -3.73
CA LEU A 225 -25.61 -1.63 -2.55
C LEU A 225 -26.80 -2.52 -2.78
N ALA A 226 -27.85 -2.00 -3.40
CA ALA A 226 -29.03 -2.81 -3.62
C ALA A 226 -28.82 -4.03 -4.49
N LYS A 227 -27.86 -3.97 -5.42
CA LYS A 227 -27.60 -5.07 -6.38
C LYS A 227 -27.16 -6.30 -5.56
N PHE A 228 -26.45 -6.15 -4.44
CA PHE A 228 -26.04 -7.35 -3.64
C PHE A 228 -27.22 -8.15 -3.10
N ARG A 229 -28.31 -7.44 -2.76
CA ARG A 229 -29.50 -8.09 -2.15
C ARG A 229 -30.25 -8.97 -3.14
N SER A 230 -29.91 -8.81 -4.42
N SER A 230 -29.95 -8.86 -4.42
CA SER A 230 -30.44 -9.60 -5.57
CA SER A 230 -30.60 -9.75 -5.42
C SER A 230 -29.75 -10.95 -5.76
C SER A 230 -29.87 -11.08 -5.56
N LEU A 231 -28.65 -11.19 -5.02
CA LEU A 231 -28.04 -12.52 -5.00
C LEU A 231 -28.93 -13.48 -4.26
N LEU A 232 -28.95 -14.74 -4.69
CA LEU A 232 -29.73 -15.77 -4.00
C LEU A 232 -28.86 -16.55 -3.04
N CYS A 233 -29.46 -17.04 -1.98
CA CYS A 233 -28.77 -17.96 -1.03
C CYS A 233 -29.08 -19.41 -1.38
N THR A 234 -29.81 -19.58 -2.48
CA THR A 234 -30.28 -20.88 -3.01
C THR A 234 -29.61 -21.16 -4.39
N ALA A 235 -29.59 -22.46 -4.73
CA ALA A 235 -28.94 -22.99 -5.94
C ALA A 235 -29.92 -23.00 -7.11
N GLU A 236 -29.39 -23.16 -8.31
CA GLU A 236 -30.18 -23.23 -9.56
C GLU A 236 -31.29 -24.30 -9.43
N GLY A 237 -32.51 -23.93 -9.84
CA GLY A 237 -33.69 -24.82 -9.73
C GLY A 237 -34.21 -25.17 -8.34
N GLU A 238 -33.74 -24.51 -7.28
CA GLU A 238 -34.40 -24.53 -5.96
C GLU A 238 -35.31 -23.31 -5.87
N ALA A 239 -36.30 -23.38 -4.98
CA ALA A 239 -37.16 -22.25 -4.66
C ALA A 239 -36.22 -21.06 -4.25
N ALA A 240 -36.35 -19.94 -4.93
CA ALA A 240 -35.50 -18.75 -4.76
C ALA A 240 -35.68 -18.21 -3.34
N ALA A 241 -34.57 -17.94 -2.69
CA ALA A 241 -34.57 -17.10 -1.46
C ALA A 241 -33.39 -16.11 -1.64
N PHE A 242 -33.65 -14.83 -1.23
CA PHE A 242 -32.68 -13.77 -1.53
C PHE A 242 -31.80 -13.46 -0.29
N LEU A 243 -30.56 -13.12 -0.66
CA LEU A 243 -29.58 -12.75 0.39
C LEU A 243 -29.72 -11.27 0.70
N VAL A 244 -30.80 -10.91 1.36
CA VAL A 244 -31.04 -9.46 1.60
C VAL A 244 -30.26 -8.89 2.82
N SER A 245 -29.70 -9.79 3.66
CA SER A 245 -28.89 -9.36 4.78
C SER A 245 -27.96 -10.50 5.10
N ASN A 246 -26.70 -10.15 5.47
CA ASN A 246 -25.73 -11.24 5.79
C ASN A 246 -24.73 -10.74 6.81
N HIS A 247 -25.19 -9.99 7.79
CA HIS A 247 -24.33 -9.55 8.92
C HIS A 247 -24.64 -10.17 10.23
N ARG A 248 -23.59 -10.59 10.92
CA ARG A 248 -23.78 -11.16 12.22
C ARG A 248 -23.86 -10.04 13.28
N PRO A 249 -24.72 -10.14 14.26
CA PRO A 249 -24.70 -9.14 15.35
C PRO A 249 -23.38 -9.06 16.13
N PRO A 250 -23.09 -7.94 16.83
CA PRO A 250 -21.92 -7.86 17.66
C PRO A 250 -22.01 -8.85 18.80
N GLN A 251 -20.85 -9.40 19.17
CA GLN A 251 -20.77 -10.50 20.17
C GLN A 251 -20.07 -9.98 21.44
N PRO A 252 -20.19 -10.71 22.54
CA PRO A 252 -19.67 -10.19 23.81
C PRO A 252 -18.16 -9.96 23.72
N LEU A 253 -17.67 -8.86 24.28
CA LEU A 253 -16.25 -8.53 24.21
C LEU A 253 -15.42 -9.46 25.08
N LYS A 254 -16.01 -9.89 26.19
CA LYS A 254 -15.35 -10.84 27.17
C LYS A 254 -13.96 -10.33 27.61
N GLY A 255 -13.89 -9.02 27.80
CA GLY A 255 -12.66 -8.46 28.40
C GLY A 255 -11.56 -8.17 27.38
N ARG A 256 -11.72 -8.55 26.13
CA ARG A 256 -10.70 -8.32 25.12
C ARG A 256 -10.31 -6.83 24.98
N LYS A 257 -9.01 -6.58 24.71
CA LYS A 257 -8.51 -5.22 24.45
C LYS A 257 -8.57 -4.80 22.99
N VAL A 258 -9.31 -3.75 22.68
CA VAL A 258 -9.31 -3.16 21.37
C VAL A 258 -8.27 -2.01 21.37
N ARG A 259 -7.31 -2.14 20.47
CA ARG A 259 -6.19 -1.15 20.39
C ARG A 259 -6.35 -0.22 19.23
N ALA A 260 -5.96 1.06 19.38
CA ALA A 260 -5.94 1.97 18.28
C ALA A 260 -4.54 2.27 17.80
N SER A 261 -4.37 2.45 16.50
CA SER A 261 -3.08 2.81 15.87
C SER A 261 -2.83 4.34 15.99
N PHE A 262 -3.87 5.04 16.45
CA PHE A 262 -3.94 6.51 16.28
C PHE A 262 -4.45 7.09 17.63
N HIS A 263 -4.03 8.33 17.90
CA HIS A 263 -4.60 9.15 18.98
C HIS A 263 -4.36 10.59 18.66
N SER B 6 27.46 22.30 -18.63
CA SER B 6 26.29 21.44 -18.21
C SER B 6 26.50 20.59 -16.89
N TRP B 7 25.52 20.54 -15.99
CA TRP B 7 25.77 20.01 -14.60
C TRP B 7 25.91 18.50 -14.53
N GLY B 8 26.66 18.04 -13.54
CA GLY B 8 26.77 16.54 -13.26
C GLY B 8 27.42 16.33 -11.91
N TYR B 9 28.23 15.28 -11.81
CA TYR B 9 28.81 14.89 -10.57
C TYR B 9 30.36 14.71 -10.68
N ARG B 10 30.91 15.33 -11.72
CA ARG B 10 32.39 15.21 -12.02
C ARG B 10 33.04 16.37 -11.29
N GLU B 11 34.38 16.45 -11.36
CA GLU B 11 35.08 17.42 -10.57
C GLU B 11 34.66 18.82 -11.00
N HIS B 12 34.57 19.10 -12.29
N HIS B 12 34.53 18.98 -12.31
CA HIS B 12 34.29 20.52 -12.64
CA HIS B 12 34.31 20.32 -12.88
C HIS B 12 32.87 20.82 -13.01
C HIS B 12 32.91 20.83 -12.73
N ASN B 13 31.96 19.90 -12.72
CA ASN B 13 30.52 20.26 -12.85
C ASN B 13 29.68 19.67 -11.72
N GLY B 14 30.33 19.24 -10.64
CA GLY B 14 29.63 18.49 -9.55
C GLY B 14 28.98 19.45 -8.56
N PRO B 15 28.44 18.91 -7.45
CA PRO B 15 27.57 19.62 -6.47
C PRO B 15 28.20 20.94 -5.95
N ILE B 16 29.51 21.02 -5.73
CA ILE B 16 30.08 22.25 -5.18
C ILE B 16 29.96 23.41 -6.13
N HIS B 17 29.86 23.10 -7.43
CA HIS B 17 29.72 24.11 -8.52
C HIS B 17 28.31 24.45 -8.88
N TRP B 18 27.33 23.68 -8.40
CA TRP B 18 25.94 23.99 -8.85
C TRP B 18 25.47 25.37 -8.60
N LYS B 19 25.87 25.95 -7.46
CA LYS B 19 25.45 27.34 -7.13
C LYS B 19 25.91 28.39 -8.11
N GLU B 20 26.91 28.08 -8.93
CA GLU B 20 27.37 29.03 -9.98
C GLU B 20 26.27 29.30 -10.99
N PHE B 21 25.35 28.36 -11.17
CA PHE B 21 24.36 28.36 -12.21
C PHE B 21 22.96 28.29 -11.67
N PHE B 22 22.82 27.82 -10.43
CA PHE B 22 21.54 27.63 -9.73
C PHE B 22 21.69 28.16 -8.32
N PRO B 23 21.52 29.50 -8.14
CA PRO B 23 21.73 30.09 -6.78
C PRO B 23 20.90 29.54 -5.65
N ILE B 24 19.77 28.88 -6.00
CA ILE B 24 18.99 28.30 -4.95
C ILE B 24 19.73 27.18 -4.29
N ALA B 25 20.85 26.69 -4.88
CA ALA B 25 21.66 25.64 -4.25
C ALA B 25 22.03 25.97 -2.80
N ASP B 26 22.11 27.30 -2.49
CA ASP B 26 22.38 27.79 -1.11
C ASP B 26 21.11 28.28 -0.41
N GLY B 27 19.95 27.79 -0.85
CA GLY B 27 18.63 28.21 -0.30
C GLY B 27 18.34 27.72 1.12
N ASP B 28 17.22 28.06 1.71
N ASP B 28 17.13 28.10 1.54
CA ASP B 28 17.20 27.56 3.07
CA ASP B 28 16.73 27.85 2.92
C ASP B 28 16.42 26.26 3.21
C ASP B 28 16.10 26.48 3.16
N GLN B 29 15.94 25.65 2.10
CA GLN B 29 15.25 24.31 2.31
C GLN B 29 15.85 23.33 1.31
N GLN B 30 17.18 23.17 1.40
CA GLN B 30 17.89 22.31 0.41
C GLN B 30 18.01 20.86 0.96
N SER B 31 18.06 19.92 0.01
CA SER B 31 18.11 18.47 0.35
C SER B 31 19.29 17.86 -0.46
N PRO B 32 19.83 16.73 0.04
CA PRO B 32 19.40 15.99 1.20
C PRO B 32 19.96 16.57 2.52
N ILE B 33 19.73 15.86 3.60
CA ILE B 33 20.18 16.31 4.93
C ILE B 33 20.62 15.11 5.71
N GLU B 34 21.30 15.41 6.84
CA GLU B 34 21.47 14.42 7.83
C GLU B 34 20.32 14.37 8.79
N ILE B 35 19.70 13.22 8.92
CA ILE B 35 18.65 13.03 9.93
C ILE B 35 19.34 12.65 11.31
N LYS B 36 19.12 13.49 12.33
CA LYS B 36 19.81 13.43 13.64
C LYS B 36 18.69 12.90 14.55
N THR B 37 18.69 11.61 14.83
CA THR B 37 17.54 11.05 15.56
C THR B 37 17.27 11.75 16.93
N LYS B 38 18.29 12.31 17.62
CA LYS B 38 17.99 13.04 18.89
C LYS B 38 17.28 14.40 18.79
N GLU B 39 17.27 14.95 17.57
CA GLU B 39 16.66 16.18 17.27
C GLU B 39 15.33 15.91 16.58
N VAL B 40 15.06 14.65 16.21
CA VAL B 40 13.80 14.32 15.50
C VAL B 40 12.64 14.44 16.48
N LYS B 41 11.52 15.05 16.02
CA LYS B 41 10.31 15.24 16.82
C LYS B 41 9.24 14.24 16.38
N TYR B 42 8.83 13.30 17.29
CA TYR B 42 7.64 12.46 17.02
C TYR B 42 6.40 13.38 16.92
N ASP B 43 5.52 13.16 15.92
CA ASP B 43 4.35 13.98 15.71
C ASP B 43 3.13 13.05 15.55
N SER B 44 2.24 13.10 16.52
CA SER B 44 1.02 12.23 16.52
C SER B 44 -0.01 12.64 15.51
N SER B 45 0.13 13.82 14.91
CA SER B 45 -0.70 14.24 13.82
C SER B 45 -0.31 13.68 12.46
N LEU B 46 0.92 13.15 12.32
CA LEU B 46 1.25 12.48 11.09
C LEU B 46 0.42 11.19 10.86
N ARG B 47 0.01 11.02 9.63
CA ARG B 47 -0.82 9.85 9.23
C ARG B 47 0.10 8.76 8.70
N PRO B 48 -0.36 7.53 8.72
CA PRO B 48 0.35 6.46 8.03
C PRO B 48 0.36 6.66 6.54
N LEU B 49 1.36 6.15 5.83
CA LEU B 49 1.43 6.25 4.40
C LEU B 49 0.35 5.35 3.81
N SER B 50 -0.41 5.85 2.86
CA SER B 50 -1.29 4.98 2.06
C SER B 50 -0.77 4.99 0.64
N ILE B 51 -0.35 3.83 0.14
CA ILE B 51 0.44 3.71 -1.12
C ILE B 51 -0.16 2.69 -1.95
N LYS B 52 -0.38 3.13 -3.17
CA LYS B 52 -1.13 2.39 -4.09
C LYS B 52 -0.42 2.52 -5.38
N TYR B 53 0.38 1.50 -5.84
N TYR B 53 -0.44 1.38 -5.99
CA TYR B 53 1.11 1.51 -7.16
CA TYR B 53 0.39 1.23 -7.05
C TYR B 53 0.78 0.32 -8.10
C TYR B 53 -0.29 0.32 -7.97
N ASP B 54 0.02 0.57 -9.20
CA ASP B 54 -0.47 -0.34 -10.21
C ASP B 54 0.73 -0.71 -11.07
N PRO B 55 1.18 -2.00 -10.99
CA PRO B 55 2.35 -2.44 -11.70
C PRO B 55 2.25 -2.18 -13.19
N SER B 56 1.05 -1.99 -13.74
CA SER B 56 0.94 -1.73 -15.18
C SER B 56 1.12 -0.23 -15.50
N SER B 57 1.21 0.65 -14.45
CA SER B 57 1.48 2.08 -14.56
C SER B 57 2.84 2.33 -15.15
N ALA B 58 3.79 1.45 -14.87
CA ALA B 58 5.18 1.68 -15.33
C ALA B 58 5.19 1.59 -16.86
N LYS B 59 5.96 2.47 -17.50
CA LYS B 59 6.02 2.47 -18.99
C LYS B 59 7.43 2.24 -19.56
N ILE B 60 8.43 2.94 -19.03
N ILE B 60 8.43 2.92 -18.99
CA ILE B 60 9.76 2.81 -19.65
CA ILE B 60 9.71 3.05 -19.67
C ILE B 60 10.79 3.03 -18.59
C ILE B 60 10.80 3.17 -18.64
N ILE B 61 11.99 2.68 -19.01
CA ILE B 61 13.22 3.00 -18.24
C ILE B 61 14.26 3.68 -19.16
N SER B 62 14.89 4.73 -18.65
CA SER B 62 15.88 5.42 -19.46
C SER B 62 17.08 5.87 -18.68
N ASN B 63 18.15 6.17 -19.41
CA ASN B 63 19.35 6.78 -18.77
C ASN B 63 19.33 8.29 -19.07
N SER B 64 19.15 9.07 -18.05
CA SER B 64 19.12 10.54 -18.17
C SER B 64 20.52 11.12 -18.22
N GLY B 65 21.50 10.28 -17.92
CA GLY B 65 22.90 10.76 -17.77
C GLY B 65 23.20 11.10 -16.30
N HIS B 66 22.15 11.14 -15.45
CA HIS B 66 22.31 11.38 -14.01
C HIS B 66 21.91 10.29 -13.07
N SER B 67 21.16 9.37 -13.66
CA SER B 67 20.61 8.15 -13.04
C SER B 67 19.89 7.37 -14.10
N PHE B 68 19.25 6.24 -13.72
CA PHE B 68 18.17 5.72 -14.59
C PHE B 68 16.89 6.35 -14.07
N ASN B 69 15.85 6.41 -14.91
N ASN B 69 15.86 6.45 -14.96
CA ASN B 69 14.52 6.79 -14.42
CA ASN B 69 14.51 6.71 -14.40
C ASN B 69 13.36 5.95 -15.01
C ASN B 69 13.49 5.76 -15.04
N VAL B 70 12.58 5.30 -14.16
CA VAL B 70 11.41 4.56 -14.65
C VAL B 70 10.32 5.67 -14.62
N ASP B 71 9.70 5.91 -15.78
CA ASP B 71 8.58 6.89 -15.88
C ASP B 71 7.24 6.11 -15.85
N PHE B 72 6.25 6.77 -15.27
CA PHE B 72 4.90 6.13 -15.08
C PHE B 72 3.87 6.99 -15.79
N ASP B 73 2.85 6.28 -16.30
CA ASP B 73 1.68 6.99 -16.77
C ASP B 73 1.09 7.71 -15.64
N ASP B 74 0.69 8.97 -15.86
CA ASP B 74 0.28 9.79 -14.67
C ASP B 74 -0.91 10.70 -15.11
N THR B 75 -1.83 10.11 -15.87
CA THR B 75 -3.09 10.84 -16.29
C THR B 75 -4.26 10.48 -15.40
N GLU B 76 -4.15 9.43 -14.58
CA GLU B 76 -5.19 8.92 -13.75
C GLU B 76 -4.63 8.74 -12.32
N ASN B 77 -5.47 8.46 -11.34
CA ASN B 77 -5.03 8.27 -9.93
C ASN B 77 -4.97 6.78 -9.63
N LYS B 78 -4.37 6.03 -10.52
CA LYS B 78 -4.18 4.62 -10.29
C LYS B 78 -2.98 4.38 -9.32
N SER B 79 -1.93 5.19 -9.47
CA SER B 79 -0.71 4.99 -8.62
C SER B 79 -0.49 6.26 -7.86
N VAL B 80 -0.75 6.30 -6.57
CA VAL B 80 -0.75 7.53 -5.80
C VAL B 80 -0.27 7.30 -4.40
N LEU B 81 0.22 8.35 -3.81
CA LEU B 81 0.66 8.41 -2.49
C LEU B 81 -0.21 9.40 -1.71
N ARG B 82 -0.80 8.94 -0.63
CA ARG B 82 -1.57 9.79 0.32
C ARG B 82 -1.21 9.54 1.77
N GLY B 83 -1.81 10.30 2.69
CA GLY B 83 -1.51 10.21 4.10
C GLY B 83 -0.11 10.69 4.36
N GLY B 84 0.55 10.12 5.37
CA GLY B 84 1.81 10.69 5.80
C GLY B 84 1.58 12.17 6.22
N PRO B 85 2.49 13.06 5.80
CA PRO B 85 2.34 14.47 6.15
C PRO B 85 1.52 15.22 5.07
N LEU B 86 1.02 14.52 4.05
CA LEU B 86 0.50 15.18 2.85
C LEU B 86 -0.97 15.56 2.99
N THR B 87 -1.29 16.67 2.40
CA THR B 87 -2.72 17.03 2.16
C THR B 87 -3.02 16.66 0.73
N GLY B 88 -4.01 15.81 0.54
CA GLY B 88 -4.46 15.45 -0.79
C GLY B 88 -3.66 14.35 -1.44
N SER B 89 -3.83 14.19 -2.74
CA SER B 89 -3.31 13.02 -3.50
C SER B 89 -2.13 13.37 -4.40
N TYR B 90 -1.00 12.61 -4.26
CA TYR B 90 0.22 12.89 -5.00
C TYR B 90 0.43 11.72 -5.99
N ARG B 91 0.42 12.02 -7.24
CA ARG B 91 0.43 11.05 -8.33
C ARG B 91 1.84 10.63 -8.62
N LEU B 92 2.06 9.31 -8.73
CA LEU B 92 3.37 8.83 -9.14
C LEU B 92 3.83 9.27 -10.49
N ARG B 93 5.10 9.78 -10.61
CA ARG B 93 5.66 10.04 -11.88
C ARG B 93 6.90 9.29 -12.26
N GLN B 94 7.79 9.08 -11.27
N GLN B 94 7.89 9.17 -11.36
CA GLN B 94 9.09 8.56 -11.64
CA GLN B 94 9.10 8.41 -11.76
C GLN B 94 9.81 7.83 -10.50
C GLN B 94 9.84 7.87 -10.59
N VAL B 95 10.66 6.87 -10.85
CA VAL B 95 11.54 6.27 -9.77
C VAL B 95 12.97 6.38 -10.30
N HIS B 96 13.91 6.70 -9.42
CA HIS B 96 15.36 6.74 -9.84
C HIS B 96 16.20 6.34 -8.64
N LEU B 97 17.55 6.26 -8.80
CA LEU B 97 18.39 5.80 -7.66
C LEU B 97 19.64 6.64 -7.56
N HIS B 98 20.18 6.76 -6.35
CA HIS B 98 21.52 7.38 -6.10
C HIS B 98 22.42 6.34 -5.46
N TRP B 99 23.70 6.49 -5.88
CA TRP B 99 24.77 5.62 -5.33
C TRP B 99 26.04 6.43 -5.25
N GLY B 100 27.06 5.70 -4.74
CA GLY B 100 28.39 6.30 -4.71
C GLY B 100 29.41 5.36 -5.32
N SER B 101 30.68 5.80 -5.35
CA SER B 101 31.71 4.95 -6.02
C SER B 101 32.13 3.80 -5.07
N ALA B 102 31.82 3.87 -3.78
CA ALA B 102 32.08 2.81 -2.85
C ALA B 102 30.80 2.28 -2.21
N ASP B 103 30.74 1.01 -1.90
CA ASP B 103 29.50 0.40 -1.43
C ASP B 103 29.04 0.90 -0.05
N ASP B 104 29.89 1.55 0.72
CA ASP B 104 29.43 1.98 2.04
C ASP B 104 29.19 3.47 2.15
N HIS B 105 29.03 4.16 1.02
CA HIS B 105 28.89 5.63 1.06
C HIS B 105 28.20 6.06 -0.23
N GLY B 106 26.92 5.75 -0.36
CA GLY B 106 26.23 6.07 -1.58
C GLY B 106 24.87 6.75 -1.42
N SER B 107 24.37 6.80 -0.22
CA SER B 107 22.99 7.43 -0.03
C SER B 107 23.12 8.95 -0.12
N GLU B 108 21.95 9.60 -0.34
CA GLU B 108 21.90 11.05 -0.26
C GLU B 108 21.64 11.50 1.17
N HIS B 109 20.55 11.04 1.78
CA HIS B 109 20.30 11.23 3.16
C HIS B 109 21.25 10.36 3.98
N ILE B 110 21.64 10.90 5.11
CA ILE B 110 22.49 10.19 6.15
C ILE B 110 21.72 10.10 7.45
N VAL B 111 21.92 9.04 8.27
CA VAL B 111 21.21 8.90 9.51
C VAL B 111 22.25 8.72 10.64
N ASP B 112 22.27 9.67 11.56
CA ASP B 112 23.21 9.66 12.76
C ASP B 112 24.61 9.22 12.24
N GLY B 113 25.09 10.00 11.29
CA GLY B 113 26.44 9.86 10.75
C GLY B 113 26.65 8.70 9.78
N VAL B 114 25.63 7.85 9.57
CA VAL B 114 25.74 6.63 8.74
C VAL B 114 25.18 6.84 7.36
N SER B 115 25.99 6.57 6.33
CA SER B 115 25.49 6.51 4.94
C SER B 115 25.13 5.07 4.64
N TYR B 116 24.09 4.92 3.83
CA TYR B 116 23.80 3.65 3.20
C TYR B 116 24.45 3.43 1.86
N ALA B 117 24.32 2.23 1.27
CA ALA B 117 24.95 1.93 0.02
C ALA B 117 24.32 2.68 -1.15
N ALA B 118 23.02 2.92 -1.05
CA ALA B 118 22.34 3.59 -2.17
C ALA B 118 20.97 4.08 -1.64
N GLU B 119 20.27 4.87 -2.47
CA GLU B 119 18.98 5.41 -2.00
C GLU B 119 18.06 5.54 -3.25
N LEU B 120 16.91 4.88 -3.18
CA LEU B 120 15.83 4.87 -4.22
C LEU B 120 14.88 6.03 -3.94
N HIS B 121 14.55 6.79 -5.00
CA HIS B 121 13.54 7.90 -4.79
C HIS B 121 12.39 7.69 -5.67
N VAL B 122 11.19 7.83 -5.07
CA VAL B 122 9.93 7.66 -5.83
C VAL B 122 9.22 9.08 -5.81
N VAL B 123 9.11 9.65 -7.03
CA VAL B 123 8.75 11.07 -7.15
C VAL B 123 7.22 11.15 -7.49
N HIS B 124 6.53 11.91 -6.67
CA HIS B 124 5.05 12.18 -6.91
C HIS B 124 4.77 13.66 -7.04
N TRP B 125 3.64 14.00 -7.68
CA TRP B 125 3.27 15.41 -7.82
C TRP B 125 1.79 15.63 -7.51
N ASN B 126 1.48 16.81 -6.94
CA ASN B 126 0.07 17.09 -6.39
C ASN B 126 -0.92 17.39 -7.55
N SER B 127 -1.61 16.36 -7.99
CA SER B 127 -2.51 16.45 -9.11
C SER B 127 -3.85 17.05 -8.61
N ASP B 128 -4.03 17.16 -7.32
CA ASP B 128 -5.29 17.82 -6.70
C ASP B 128 -5.21 19.34 -6.95
N LYS B 129 -4.03 19.88 -7.13
CA LYS B 129 -3.85 21.33 -7.24
C LYS B 129 -3.22 21.77 -8.55
N TYR B 130 -2.36 20.95 -9.21
CA TYR B 130 -1.54 21.44 -10.31
C TYR B 130 -1.81 20.62 -11.56
N PRO B 131 -1.70 21.20 -12.75
CA PRO B 131 -2.02 20.45 -13.99
C PRO B 131 -1.06 19.36 -14.40
N SER B 132 0.19 19.48 -13.93
CA SER B 132 1.30 18.62 -14.36
C SER B 132 2.38 18.71 -13.36
N PHE B 133 3.29 17.73 -13.44
CA PHE B 133 4.44 17.77 -12.53
C PHE B 133 5.30 19.01 -12.76
N VAL B 134 5.26 19.62 -13.95
CA VAL B 134 6.11 20.80 -14.23
C VAL B 134 5.69 21.94 -13.39
N GLU B 135 4.35 22.19 -13.40
CA GLU B 135 3.88 23.25 -12.42
C GLU B 135 4.10 22.91 -10.98
N ALA B 136 3.75 21.67 -10.56
CA ALA B 136 3.91 21.29 -9.20
C ALA B 136 5.36 21.47 -8.75
N ALA B 137 6.35 21.23 -9.62
CA ALA B 137 7.74 21.36 -9.14
C ALA B 137 8.11 22.76 -8.73
N HIS B 138 7.27 23.74 -9.05
CA HIS B 138 7.51 25.13 -8.64
C HIS B 138 6.72 25.64 -7.49
N GLU B 139 6.09 24.74 -6.76
CA GLU B 139 5.26 25.15 -5.58
C GLU B 139 5.66 24.39 -4.33
N PRO B 140 5.62 25.01 -3.13
CA PRO B 140 6.12 24.38 -1.88
C PRO B 140 5.41 23.04 -1.56
N ASP B 141 4.10 22.92 -1.91
CA ASP B 141 3.36 21.69 -1.72
C ASP B 141 3.24 20.89 -3.00
N GLY B 142 4.12 21.06 -3.98
CA GLY B 142 3.93 20.45 -5.30
C GLY B 142 4.33 18.97 -5.37
N LEU B 143 5.48 18.66 -4.75
CA LEU B 143 6.04 17.29 -4.95
C LEU B 143 6.20 16.54 -3.65
N ALA B 144 6.11 15.23 -3.70
CA ALA B 144 6.44 14.40 -2.54
C ALA B 144 7.37 13.31 -3.06
N VAL B 145 8.52 13.12 -2.35
CA VAL B 145 9.43 12.06 -2.84
C VAL B 145 9.63 11.11 -1.63
N LEU B 146 9.37 9.81 -1.93
CA LEU B 146 9.64 8.80 -0.93
C LEU B 146 11.08 8.29 -1.10
N GLY B 147 11.84 8.18 0.00
CA GLY B 147 13.26 7.73 -0.10
C GLY B 147 13.32 6.36 0.61
N VAL B 148 14.02 5.46 -0.02
CA VAL B 148 14.22 4.11 0.64
C VAL B 148 15.74 3.85 0.55
N PHE B 149 16.33 3.53 1.69
CA PHE B 149 17.74 3.21 1.73
C PHE B 149 17.99 1.78 1.28
N LEU B 150 19.11 1.61 0.57
CA LEU B 150 19.59 0.27 0.21
C LEU B 150 20.85 -0.06 1.02
N GLN B 151 20.88 -1.28 1.59
CA GLN B 151 22.11 -1.79 2.25
C GLN B 151 22.60 -3.06 1.51
N ILE B 152 23.92 -3.28 1.50
CA ILE B 152 24.49 -4.44 0.80
C ILE B 152 24.02 -5.66 1.58
N GLY B 153 23.50 -6.64 0.86
CA GLY B 153 22.89 -7.81 1.42
C GLY B 153 22.77 -8.89 0.36
N GLU B 154 21.74 -9.69 0.52
CA GLU B 154 21.40 -10.72 -0.45
C GLU B 154 21.01 -10.02 -1.78
N PRO B 155 21.23 -10.67 -2.94
CA PRO B 155 20.66 -10.14 -4.18
C PRO B 155 19.16 -9.89 -3.98
N ASN B 156 18.69 -8.84 -4.62
CA ASN B 156 17.29 -8.45 -4.61
C ASN B 156 16.66 -8.83 -5.93
N SER B 157 15.74 -9.82 -5.88
CA SER B 157 15.15 -10.32 -7.13
C SER B 157 14.39 -9.24 -7.94
N GLN B 158 13.85 -8.21 -7.28
CA GLN B 158 13.14 -7.12 -8.08
C GLN B 158 13.96 -5.91 -8.63
N LEU B 159 15.03 -5.58 -7.91
CA LEU B 159 16.08 -4.78 -8.50
C LEU B 159 16.69 -5.46 -9.70
N GLN B 160 16.64 -6.80 -9.71
CA GLN B 160 17.19 -7.50 -10.85
C GLN B 160 16.50 -7.16 -12.17
N LYS B 161 15.19 -6.92 -12.16
CA LYS B 161 14.43 -6.47 -13.37
C LYS B 161 15.12 -5.16 -13.92
N ILE B 162 15.54 -4.26 -13.01
CA ILE B 162 16.23 -3.08 -13.46
C ILE B 162 17.62 -3.33 -13.99
N THR B 163 18.47 -4.07 -13.25
CA THR B 163 19.84 -4.22 -13.71
C THR B 163 19.97 -4.98 -15.10
N ASP B 164 19.00 -5.86 -15.35
CA ASP B 164 18.92 -6.62 -16.62
C ASP B 164 18.80 -5.64 -17.81
N THR B 165 18.21 -4.48 -17.58
CA THR B 165 18.09 -3.48 -18.68
C THR B 165 19.26 -2.56 -18.94
N LEU B 166 20.20 -2.49 -17.97
CA LEU B 166 21.13 -1.38 -18.07
C LEU B 166 22.11 -1.47 -19.22
N ASP B 167 22.35 -2.69 -19.72
CA ASP B 167 23.19 -2.81 -20.89
C ASP B 167 22.51 -2.16 -22.12
N SER B 168 21.17 -2.24 -22.18
N SER B 168 21.18 -2.22 -22.21
CA SER B 168 20.42 -1.62 -23.30
CA SER B 168 20.50 -1.59 -23.36
C SER B 168 20.43 -0.06 -23.24
C SER B 168 20.15 -0.10 -23.15
N ILE B 169 20.62 0.48 -22.03
CA ILE B 169 20.52 1.94 -21.82
C ILE B 169 21.88 2.56 -21.33
N LYS B 170 23.00 2.03 -21.80
CA LYS B 170 24.32 2.47 -21.30
C LYS B 170 24.62 3.93 -21.55
N GLU B 171 24.33 4.42 -22.74
CA GLU B 171 24.64 5.78 -23.12
C GLU B 171 23.48 6.71 -22.71
N LYS B 172 23.82 7.95 -22.32
CA LYS B 172 22.84 8.96 -21.95
C LYS B 172 21.82 9.13 -23.08
N GLY B 173 20.55 9.17 -22.72
CA GLY B 173 19.46 9.39 -23.75
C GLY B 173 18.80 8.08 -24.18
N LYS B 174 19.43 6.92 -23.97
CA LYS B 174 18.78 5.64 -24.38
C LYS B 174 17.68 5.23 -23.42
N GLN B 175 16.70 4.48 -23.95
CA GLN B 175 15.65 3.97 -23.06
C GLN B 175 15.14 2.65 -23.55
N THR B 176 14.31 2.01 -22.75
CA THR B 176 13.63 0.76 -23.17
C THR B 176 12.34 0.53 -22.40
N ARG B 177 11.40 -0.22 -23.00
CA ARG B 177 10.09 -0.57 -22.37
C ARG B 177 10.29 -1.20 -20.99
N PHE B 178 9.43 -0.79 -20.05
CA PHE B 178 9.54 -1.34 -18.73
C PHE B 178 8.21 -1.24 -18.06
N THR B 179 7.50 -2.35 -18.04
CA THR B 179 6.19 -2.36 -17.42
C THR B 179 6.00 -3.59 -16.54
N ASN B 180 4.84 -3.66 -15.90
CA ASN B 180 4.61 -4.79 -14.95
C ASN B 180 5.66 -4.77 -13.81
N PHE B 181 5.89 -3.59 -13.23
CA PHE B 181 7.05 -3.31 -12.30
C PHE B 181 6.42 -3.30 -10.97
N ASP B 182 6.84 -4.23 -10.12
CA ASP B 182 6.26 -4.29 -8.79
C ASP B 182 7.03 -3.37 -7.89
N LEU B 183 6.67 -2.12 -7.99
CA LEU B 183 7.38 -1.13 -7.18
C LEU B 183 7.21 -1.38 -5.73
N LEU B 184 5.98 -1.76 -5.27
CA LEU B 184 5.69 -1.93 -3.83
C LEU B 184 6.65 -2.97 -3.24
N SER B 185 7.18 -3.87 -4.08
CA SER B 185 8.24 -4.81 -3.65
C SER B 185 9.56 -4.27 -3.24
N LEU B 186 9.86 -3.04 -3.68
CA LEU B 186 11.05 -2.34 -3.26
C LEU B 186 10.87 -1.43 -2.09
N LEU B 187 9.71 -1.57 -1.39
CA LEU B 187 9.61 -0.91 -0.15
C LEU B 187 9.86 -1.95 0.94
N PRO B 188 10.33 -1.50 2.10
CA PRO B 188 10.53 -2.45 3.18
C PRO B 188 9.19 -2.83 3.84
N PRO B 189 9.18 -3.86 4.70
CA PRO B 189 7.92 -4.17 5.32
C PRO B 189 7.43 -3.16 6.35
N SER B 190 8.34 -2.38 6.97
CA SER B 190 7.94 -1.33 7.89
C SER B 190 7.86 -0.04 7.10
N TRP B 191 6.69 0.65 7.20
CA TRP B 191 6.55 1.98 6.53
C TRP B 191 6.68 3.06 7.55
N ASP B 192 7.47 2.87 8.58
CA ASP B 192 7.79 3.96 9.52
C ASP B 192 8.71 5.00 8.76
N TYR B 193 8.49 6.31 9.02
CA TYR B 193 9.24 7.33 8.23
C TYR B 193 9.54 8.57 9.03
N TRP B 194 10.51 9.32 8.47
CA TRP B 194 10.81 10.70 8.87
C TRP B 194 10.37 11.59 7.75
N THR B 195 10.07 12.88 8.06
CA THR B 195 9.63 13.79 7.02
C THR B 195 10.08 15.20 7.35
N TYR B 196 10.41 15.93 6.25
CA TYR B 196 10.88 17.32 6.42
C TYR B 196 10.63 18.00 5.10
N PRO B 197 10.54 19.36 5.08
CA PRO B 197 10.42 20.09 3.85
C PRO B 197 11.77 20.37 3.17
N GLY B 198 11.87 20.06 1.89
CA GLY B 198 13.12 20.29 1.19
C GLY B 198 13.03 20.50 -0.29
N SER B 199 13.98 19.94 -1.02
CA SER B 199 14.13 20.38 -2.40
C SER B 199 14.41 19.17 -3.28
N LEU B 200 14.37 19.41 -4.60
CA LEU B 200 15.01 18.45 -5.56
C LEU B 200 16.53 18.39 -5.16
N THR B 201 17.11 17.19 -5.25
CA THR B 201 18.58 17.09 -4.97
C THR B 201 19.43 17.21 -6.26
N VAL B 202 18.83 17.54 -7.41
CA VAL B 202 19.50 17.80 -8.69
C VAL B 202 19.04 19.19 -9.13
N PRO B 203 19.88 19.93 -9.84
CA PRO B 203 19.42 21.10 -10.52
C PRO B 203 18.11 20.80 -11.28
N PRO B 204 17.15 21.70 -11.23
CA PRO B 204 17.20 23.10 -10.75
C PRO B 204 16.98 23.28 -9.22
N LEU B 205 16.98 22.20 -8.42
CA LEU B 205 17.09 22.33 -6.94
C LEU B 205 15.92 23.05 -6.27
N LEU B 206 14.76 22.93 -6.92
CA LEU B 206 13.57 23.66 -6.50
C LEU B 206 13.08 23.22 -5.16
N GLU B 207 12.62 24.15 -4.30
CA GLU B 207 12.24 23.91 -2.93
C GLU B 207 10.75 23.58 -2.91
N SER B 208 10.39 22.43 -3.53
CA SER B 208 8.99 22.08 -3.70
C SER B 208 8.73 20.68 -3.17
N VAL B 209 9.65 20.13 -2.38
CA VAL B 209 9.51 18.68 -1.99
C VAL B 209 9.25 18.43 -0.56
N THR B 210 8.11 17.71 -0.32
CA THR B 210 7.91 17.08 1.01
C THR B 210 8.62 15.73 1.01
N TRP B 211 9.71 15.64 1.75
CA TRP B 211 10.50 14.38 1.83
C TRP B 211 9.85 13.47 2.84
N ILE B 212 9.80 12.21 2.43
CA ILE B 212 9.31 11.15 3.28
C ILE B 212 10.38 10.02 3.17
N VAL B 213 11.20 9.86 4.23
CA VAL B 213 12.28 8.93 4.21
C VAL B 213 11.95 7.74 5.18
N LEU B 214 11.94 6.60 4.55
CA LEU B 214 11.61 5.35 5.29
C LEU B 214 12.82 4.95 6.18
N LYS B 215 12.53 4.54 7.38
CA LYS B 215 13.62 4.17 8.34
C LYS B 215 14.28 2.86 7.92
N GLN B 216 13.51 1.87 7.47
CA GLN B 216 14.10 0.52 7.28
C GLN B 216 14.62 0.37 5.89
N PRO B 217 15.88 -0.05 5.70
CA PRO B 217 16.44 -0.27 4.35
C PRO B 217 15.98 -1.57 3.73
N ILE B 218 16.15 -1.62 2.44
CA ILE B 218 16.06 -2.86 1.60
C ILE B 218 17.44 -3.33 1.25
N ASN B 219 17.52 -4.53 0.69
N ASN B 219 17.52 -4.57 0.75
CA ASN B 219 18.82 -5.08 0.37
CA ASN B 219 18.79 -5.16 0.36
C ASN B 219 19.14 -5.05 -1.11
C ASN B 219 19.13 -5.02 -1.13
N ILE B 220 20.43 -4.94 -1.44
CA ILE B 220 20.89 -5.05 -2.81
C ILE B 220 22.23 -5.83 -2.75
N SER B 221 22.60 -6.63 -3.75
CA SER B 221 23.95 -7.18 -3.72
C SER B 221 24.97 -6.22 -4.27
N SER B 222 26.24 -6.44 -3.90
N SER B 222 26.25 -6.41 -3.91
CA SER B 222 27.33 -5.64 -4.40
CA SER B 222 27.30 -5.55 -4.46
C SER B 222 27.45 -5.67 -5.92
C SER B 222 27.30 -5.64 -5.99
N GLN B 223 27.20 -6.84 -6.51
CA GLN B 223 27.25 -7.00 -7.96
C GLN B 223 26.07 -6.29 -8.66
N GLN B 224 24.90 -6.29 -8.06
CA GLN B 224 23.78 -5.54 -8.60
C GLN B 224 24.10 -4.06 -8.50
N LEU B 225 24.58 -3.60 -7.33
CA LEU B 225 24.90 -2.16 -7.21
C LEU B 225 25.96 -1.71 -8.15
N ALA B 226 26.98 -2.57 -8.39
CA ALA B 226 28.06 -2.22 -9.27
C ALA B 226 27.61 -1.99 -10.71
N LYS B 227 26.50 -2.63 -11.11
CA LYS B 227 26.08 -2.49 -12.52
C LYS B 227 25.60 -1.01 -12.82
N PHE B 228 25.12 -0.29 -11.80
CA PHE B 228 24.68 1.11 -12.07
C PHE B 228 25.84 1.97 -12.46
N ARG B 229 27.04 1.68 -11.84
CA ARG B 229 28.22 2.50 -12.13
C ARG B 229 28.76 2.39 -13.57
N SER B 230 28.30 1.41 -14.35
N SER B 230 28.25 1.38 -14.26
CA SER B 230 28.70 1.34 -15.75
CA SER B 230 28.57 1.19 -15.64
C SER B 230 27.83 2.19 -16.69
C SER B 230 27.70 1.93 -16.66
N LEU B 231 26.69 2.68 -16.19
CA LEU B 231 25.95 3.61 -17.01
C LEU B 231 26.86 4.82 -17.30
N LEU B 232 26.76 5.38 -18.52
CA LEU B 232 27.51 6.58 -18.87
C LEU B 232 26.75 7.85 -18.56
N CYS B 233 27.49 8.92 -18.22
CA CYS B 233 26.87 10.28 -18.10
C CYS B 233 26.98 11.03 -19.42
N THR B 234 27.44 10.30 -20.47
CA THR B 234 27.69 10.84 -21.79
C THR B 234 26.85 10.12 -22.87
N ALA B 235 26.60 10.85 -23.93
CA ALA B 235 25.81 10.33 -25.07
C ALA B 235 26.64 9.46 -26.03
N GLU B 236 25.96 8.76 -26.91
CA GLU B 236 26.67 8.05 -27.95
C GLU B 236 27.31 9.11 -28.84
N GLY B 237 28.55 8.85 -29.23
CA GLY B 237 29.35 9.79 -30.04
C GLY B 237 30.07 10.91 -29.30
N GLU B 238 29.82 11.04 -28.00
CA GLU B 238 30.50 11.98 -27.12
C GLU B 238 31.59 11.10 -26.44
N ALA B 239 32.71 11.65 -25.95
CA ALA B 239 33.71 10.81 -25.23
C ALA B 239 33.19 10.28 -23.86
N ALA B 240 33.38 8.98 -23.63
CA ALA B 240 32.78 8.23 -22.52
C ALA B 240 33.26 8.57 -21.10
N ALA B 241 32.27 8.85 -20.24
CA ALA B 241 32.54 9.11 -18.80
C ALA B 241 31.46 8.35 -18.03
N PHE B 242 31.84 7.64 -16.98
CA PHE B 242 30.97 6.74 -16.24
C PHE B 242 30.28 7.44 -15.11
N LEU B 243 29.04 7.00 -14.85
CA LEU B 243 28.25 7.57 -13.72
C LEU B 243 28.61 6.73 -12.50
N VAL B 244 29.82 6.94 -11.98
CA VAL B 244 30.23 6.14 -10.78
C VAL B 244 29.68 6.53 -9.42
N SER B 245 29.17 7.77 -9.44
CA SER B 245 28.60 8.39 -8.24
C SER B 245 27.65 9.49 -8.68
N ASN B 246 26.49 9.55 -7.98
CA ASN B 246 25.48 10.58 -8.30
C ASN B 246 24.68 10.94 -7.04
N HIS B 247 25.35 11.10 -5.90
CA HIS B 247 24.66 11.61 -4.71
C HIS B 247 25.13 13.00 -4.33
N ARG B 248 24.21 13.87 -3.92
CA ARG B 248 24.57 15.20 -3.42
C ARG B 248 24.93 15.12 -1.94
N PRO B 249 25.94 15.88 -1.47
CA PRO B 249 26.22 15.94 -0.04
C PRO B 249 25.06 16.48 0.77
N PRO B 250 24.99 16.14 2.06
CA PRO B 250 23.99 16.70 2.96
C PRO B 250 24.17 18.24 3.04
N GLN B 251 23.01 18.91 3.17
CA GLN B 251 22.95 20.39 3.12
C GLN B 251 22.48 20.92 4.48
N PRO B 252 22.74 22.22 4.75
CA PRO B 252 22.43 22.82 6.07
C PRO B 252 20.94 22.69 6.42
N LEU B 253 20.65 22.26 7.64
CA LEU B 253 19.26 22.12 8.09
C LEU B 253 18.52 23.45 8.16
N LYS B 254 19.26 24.52 8.51
CA LYS B 254 18.65 25.90 8.63
C LYS B 254 17.40 25.90 9.54
N GLY B 255 17.42 25.15 10.62
CA GLY B 255 16.32 25.15 11.58
C GLY B 255 15.11 24.34 11.25
N ARG B 256 15.12 23.66 10.10
CA ARG B 256 13.97 22.84 9.77
C ARG B 256 13.78 21.73 10.73
N LYS B 257 12.47 21.40 10.94
CA LYS B 257 12.04 20.35 11.85
C LYS B 257 11.85 19.02 11.09
N VAL B 258 12.62 18.00 11.48
CA VAL B 258 12.47 16.65 10.94
C VAL B 258 11.55 15.89 11.91
N ARG B 259 10.42 15.37 11.39
CA ARG B 259 9.43 14.73 12.23
C ARG B 259 9.47 13.26 11.99
N ALA B 260 9.05 12.48 13.00
CA ALA B 260 8.99 11.04 12.86
C ALA B 260 7.56 10.56 13.01
N SER B 261 7.24 9.50 12.28
CA SER B 261 5.91 8.86 12.40
C SER B 261 5.87 7.88 13.59
N PHE B 262 6.99 7.69 14.27
CA PHE B 262 7.18 6.56 15.19
C PHE B 262 7.99 7.05 16.39
N HIS B 263 7.81 6.36 17.52
CA HIS B 263 8.47 6.65 18.80
C HIS B 263 8.22 5.48 19.69
ZN ZN C . -16.73 -11.22 6.55
C1 EDO D . -13.54 -9.71 -15.54
O1 EDO D . -12.25 -9.56 -14.95
C2 EDO D . -14.64 -9.08 -14.75
O2 EDO D . -14.63 -7.67 -14.63
C1 EDO E . -24.82 -0.02 -9.97
O1 EDO E . -24.25 1.23 -10.36
C2 EDO E . -25.82 -0.54 -10.98
O2 EDO E . -25.19 -0.96 -12.15
O16 WWX F . -17.36 -15.73 1.66
S14 WWX F . -17.06 -17.06 2.48
O15 WWX F . -15.88 -17.79 1.76
C18 WWX F . -18.78 -18.81 3.83
O20 WWX F . -17.60 -19.55 3.93
C17 WWX F . -18.58 -18.08 2.49
C8 WWX F . -16.40 -16.26 3.97
C7 WWX F . -17.33 -15.30 4.46
F12 WWX F . -18.68 -15.11 3.86
C6 WWX F . -16.93 -14.57 5.67
F11 WWX F . -17.87 -13.69 6.04
C9 WWX F . -15.08 -16.54 4.55
C10 WWX F . -14.82 -15.72 5.65
F13 WWX F . -13.60 -15.75 6.29
C5 WWX F . -15.65 -14.72 6.26
S1 WWX F . -15.15 -13.57 7.72
O3 WWX F . -14.83 -14.07 9.11
N4 WWX F . -16.49 -12.56 7.86
O2 WWX F . -14.02 -12.65 7.40
N19 WWX F . -14.09 -17.58 3.92
C21 WWX F . -13.58 -18.96 4.09
C30 WWX F . -14.18 -20.09 3.24
C35 WWX F . -14.19 -20.03 1.81
C34 WWX F . -14.78 -21.08 1.04
C33 WWX F . -15.39 -22.20 1.66
C32 WWX F . -15.42 -22.30 3.06
C31 WWX F . -14.83 -21.25 3.81
C22 WWX F . -13.87 -19.45 5.45
O29 WWX F . -15.25 -19.57 5.61
C23 WWX F . -13.05 -20.67 5.84
C28 WWX F . -13.40 -21.33 7.04
C27 WWX F . -12.64 -22.39 7.55
C26 WWX F . -11.56 -22.88 6.87
C25 WWX F . -11.24 -22.27 5.64
C24 WWX F . -11.94 -21.18 5.10
ZN ZN G . 16.71 11.52 -6.21
C1 EDO H . 31.51 -6.09 -8.02
O1 EDO H . 30.86 -6.03 -6.76
C2 EDO H . 30.86 -7.02 -9.00
O2 EDO H . 30.59 -6.44 -10.23
O16 WWX I . 15.91 11.26 -12.95
S14 WWX I . 15.93 12.83 -13.17
O15 WWX I . 14.65 13.18 -13.98
C18 WWX I . 17.09 14.77 -14.41
O20 WWX I . 17.03 15.49 -13.28
C17 WWX I . 17.34 13.33 -14.03
C8 WWX I . 15.71 13.36 -11.52
C7 WWX I . 16.70 13.00 -10.59
F12 WWX I . 17.87 12.36 -11.04
C6 WWX I . 16.62 13.28 -9.29
F11 WWX I . 17.73 12.93 -8.61
C9 WWX I . 14.56 14.02 -11.05
C10 WWX I . 14.53 14.28 -9.72
F13 WWX I . 13.40 14.84 -9.09
C5 WWX I . 15.52 13.91 -8.74
S1 WWX I . 15.25 14.17 -6.99
O3 WWX I . 15.31 15.65 -6.68
N4 WWX I . 16.50 13.43 -6.14
O2 WWX I . 13.96 13.45 -6.63
N19 WWX I . 13.48 14.38 -11.97
C21 WWX I . 12.80 15.66 -11.77
C30 WWX I . 11.34 15.42 -11.55
C35 WWX I . 10.47 16.34 -10.79
C34 WWX I . 9.08 16.13 -10.69
C33 WWX I . 8.54 15.01 -11.18
C32 WWX I . 9.35 14.07 -11.81
C31 WWX I . 10.74 14.25 -12.01
C22 WWX I . 13.03 16.47 -13.07
O29 WWX I . 12.65 15.66 -14.14
C23 WWX I . 12.34 17.79 -13.08
C28 WWX I . 11.02 17.81 -13.55
C27 WWX I . 10.35 19.08 -13.54
C26 WWX I . 10.97 20.22 -13.02
C25 WWX I . 12.25 20.14 -12.52
C24 WWX I . 12.96 18.94 -12.55
#